data_4E0X
#
_entry.id   4E0X
#
_cell.length_a   68.256
_cell.length_b   68.256
_cell.length_c   235.095
_cell.angle_alpha   90.000
_cell.angle_beta   90.000
_cell.angle_gamma   90.000
#
_symmetry.space_group_name_H-M   'P 41 21 2'
#
loop_
_entity.id
_entity.type
_entity.pdbx_description
1 polymer 'Glutamate receptor, ionotropic kainate 1'
2 non-polymer 3-(CARBOXYMETHYL)-4-ISOPROPENYLPROLINE
3 non-polymer 'SULFATE ION'
4 non-polymer 'CHLORIDE ION'
5 water water
#
_entity_poly.entity_id   1
_entity_poly.type   'polypeptide(L)'
_entity_poly.pdbx_seq_one_letter_code
;GANRTLIVTTILEEPYVMYRKSDKPLYGNDRFEGYCLDLLKELSNILGFLYDVKLVPDGKYGAQNDKGEWNGMVKELIDH
RADLAVAPLTITYVREKVIDFSKPFMTLGISILYRKGTPIDSADDLAKQTKIEYGAVRDGSTMTFFKKSKISTYEKMWAF
MSSRQQSALVKNSDEGIQRVLTTDYALLMESTSIEYVTQRNCNLTQIGGLIDSKGYGVGTPIGSPYRDKITIAILQLQEE
GKLHMMKEKWWRGNGCP
;
_entity_poly.pdbx_strand_id   A,B
#
loop_
_chem_comp.id
_chem_comp.type
_chem_comp.name
_chem_comp.formula
CL non-polymer 'CHLORIDE ION' 'Cl -1'
KAI non-polymer 3-(CARBOXYMETHYL)-4-ISOPROPENYLPROLINE 'C10 H15 N O4'
SO4 non-polymer 'SULFATE ION' 'O4 S -2'
#
# COMPACT_ATOMS: atom_id res chain seq x y z
N ARG A 4 -21.63 -17.56 -15.76
CA ARG A 4 -20.96 -18.63 -15.02
C ARG A 4 -20.61 -18.21 -13.58
N THR A 5 -20.94 -19.06 -12.62
CA THR A 5 -20.63 -18.81 -11.21
C THR A 5 -19.13 -18.95 -10.96
N LEU A 6 -18.49 -17.90 -10.45
CA LEU A 6 -17.05 -17.94 -10.22
C LEU A 6 -16.64 -18.83 -9.04
N ILE A 7 -15.54 -19.54 -9.22
CA ILE A 7 -14.99 -20.37 -8.14
C ILE A 7 -13.98 -19.53 -7.34
N VAL A 8 -14.26 -19.37 -6.05
CA VAL A 8 -13.40 -18.55 -5.19
C VAL A 8 -12.67 -19.43 -4.19
N THR A 9 -11.36 -19.56 -4.36
CA THR A 9 -10.57 -20.31 -3.39
C THR A 9 -10.20 -19.42 -2.19
N THR A 10 -10.15 -20.03 -1.03
CA THR A 10 -9.88 -19.29 0.19
C THR A 10 -9.43 -20.26 1.25
N ILE A 11 -9.16 -19.73 2.44
CA ILE A 11 -8.60 -20.56 3.51
C ILE A 11 -9.12 -20.03 4.85
N LEU A 12 -9.40 -20.93 5.80
CA LEU A 12 -9.82 -20.46 7.12
C LEU A 12 -8.67 -19.72 7.82
N GLU A 13 -8.94 -18.49 8.25
CA GLU A 13 -7.95 -17.69 8.96
C GLU A 13 -8.65 -16.54 9.64
N GLU A 14 -8.57 -16.45 10.96
CA GLU A 14 -9.27 -15.39 11.68
C GLU A 14 -8.56 -14.06 11.48
N PRO A 15 -9.33 -12.97 11.34
CA PRO A 15 -10.78 -12.96 11.27
C PRO A 15 -11.22 -12.79 9.81
N TYR A 16 -10.36 -13.19 8.87
CA TYR A 16 -10.63 -12.97 7.45
C TYR A 16 -11.68 -13.93 6.91
N VAL A 17 -11.55 -15.22 7.29
CA VAL A 17 -12.45 -16.27 6.82
C VAL A 17 -12.66 -17.28 7.95
N MET A 18 -13.89 -17.39 8.44
CA MET A 18 -14.17 -18.27 9.57
C MET A 18 -15.47 -19.01 9.33
N TYR A 19 -15.59 -20.16 9.97
CA TYR A 19 -16.86 -20.88 10.03
C TYR A 19 -17.86 -20.08 10.85
N ARG A 20 -19.07 -19.92 10.30
CA ARG A 20 -20.15 -19.24 10.98
C ARG A 20 -20.63 -20.10 12.16
N LYS A 21 -20.90 -19.47 13.30
CA LYS A 21 -21.43 -20.22 14.46
C LYS A 21 -22.96 -20.39 14.35
N SER A 22 -23.41 -21.64 14.36
CA SER A 22 -24.83 -21.96 14.27
C SER A 22 -25.15 -23.20 15.09
N ASP A 23 -26.43 -23.40 15.41
CA ASP A 23 -26.87 -24.58 16.15
C ASP A 23 -27.08 -25.77 15.22
N LYS A 24 -27.26 -25.49 13.93
CA LYS A 24 -27.51 -26.52 12.92
C LYS A 24 -26.41 -26.54 11.85
N PRO A 25 -26.28 -27.66 11.09
CA PRO A 25 -25.25 -27.75 10.05
C PRO A 25 -25.41 -26.68 8.97
N LEU A 26 -24.30 -26.23 8.38
CA LEU A 26 -24.31 -25.18 7.36
C LEU A 26 -23.81 -25.71 6.02
N TYR A 27 -24.25 -25.05 4.95
CA TYR A 27 -23.96 -25.49 3.58
C TYR A 27 -23.53 -24.31 2.69
N GLY A 28 -22.72 -24.60 1.68
CA GLY A 28 -22.32 -23.61 0.69
C GLY A 28 -21.67 -22.37 1.29
N ASN A 29 -21.90 -21.21 0.68
CA ASN A 29 -21.30 -19.97 1.15
C ASN A 29 -21.74 -19.60 2.57
N ASP A 30 -22.91 -20.08 2.99
CA ASP A 30 -23.43 -19.78 4.32
C ASP A 30 -22.59 -20.39 5.46
N ARG A 31 -21.69 -21.31 5.12
CA ARG A 31 -20.75 -21.84 6.12
C ARG A 31 -19.81 -20.76 6.66
N PHE A 32 -19.57 -19.73 5.85
CA PHE A 32 -18.48 -18.81 6.13
C PHE A 32 -18.92 -17.39 6.46
N GLU A 33 -18.11 -16.72 7.28
CA GLU A 33 -18.26 -15.30 7.53
C GLU A 33 -16.89 -14.67 7.78
N GLY A 34 -16.83 -13.34 7.78
CA GLY A 34 -15.58 -12.67 8.09
C GLY A 34 -15.24 -11.55 7.12
N TYR A 35 -14.12 -10.87 7.38
CA TYR A 35 -13.73 -9.72 6.57
C TYR A 35 -13.75 -10.02 5.08
N CYS A 36 -13.13 -11.14 4.70
CA CYS A 36 -13.00 -11.49 3.29
C CYS A 36 -14.34 -11.88 2.65
N LEU A 37 -15.28 -12.37 3.47
CA LEU A 37 -16.60 -12.69 2.95
C LEU A 37 -17.35 -11.41 2.68
N ASP A 38 -17.19 -10.44 3.57
CA ASP A 38 -17.83 -9.14 3.38
C ASP A 38 -17.25 -8.47 2.15
N LEU A 39 -15.93 -8.53 2.01
CA LEU A 39 -15.28 -8.00 0.81
C LEU A 39 -15.85 -8.65 -0.45
N LEU A 40 -15.93 -9.97 -0.44
CA LEU A 40 -16.36 -10.71 -1.62
C LEU A 40 -17.78 -10.35 -1.98
N LYS A 41 -18.63 -10.18 -0.97
CA LYS A 41 -20.01 -9.81 -1.23
C LYS A 41 -20.06 -8.43 -1.90
N GLU A 42 -19.30 -7.47 -1.36
CA GLU A 42 -19.26 -6.15 -1.98
C GLU A 42 -18.77 -6.21 -3.42
N LEU A 43 -17.71 -6.97 -3.66
CA LEU A 43 -17.17 -7.13 -5.01
C LEU A 43 -18.21 -7.70 -5.97
N SER A 44 -18.93 -8.73 -5.52
CA SER A 44 -19.89 -9.40 -6.40
C SER A 44 -21.04 -8.46 -6.74
N ASN A 45 -21.47 -7.65 -5.77
CA ASN A 45 -22.52 -6.67 -6.02
C ASN A 45 -22.08 -5.62 -7.03
N ILE A 46 -20.86 -5.11 -6.88
CA ILE A 46 -20.35 -4.08 -7.79
C ILE A 46 -20.15 -4.60 -9.21
N LEU A 47 -19.58 -5.80 -9.34
CA LEU A 47 -19.20 -6.29 -10.65
C LEU A 47 -20.27 -7.20 -11.24
N GLY A 48 -21.23 -7.62 -10.42
CA GLY A 48 -22.32 -8.46 -10.87
C GLY A 48 -21.91 -9.88 -11.22
N PHE A 49 -21.27 -10.59 -10.30
CA PHE A 49 -20.97 -12.00 -10.50
C PHE A 49 -21.52 -12.83 -9.34
N LEU A 50 -21.84 -14.08 -9.63
CA LEU A 50 -22.20 -15.05 -8.59
C LEU A 50 -20.93 -15.82 -8.25
N TYR A 51 -20.83 -16.33 -7.04
CA TYR A 51 -19.60 -17.02 -6.63
C TYR A 51 -19.85 -18.22 -5.74
N ASP A 52 -18.90 -19.14 -5.75
CA ASP A 52 -18.92 -20.33 -4.91
C ASP A 52 -17.61 -20.38 -4.13
N VAL A 53 -17.69 -20.25 -2.82
CA VAL A 53 -16.51 -20.28 -1.98
C VAL A 53 -16.05 -21.72 -1.72
N LYS A 54 -14.77 -21.98 -1.97
CA LYS A 54 -14.23 -23.32 -1.82
C LYS A 54 -12.92 -23.28 -1.05
N LEU A 55 -12.86 -23.94 0.11
CA LEU A 55 -11.62 -24.02 0.87
C LEU A 55 -10.55 -24.69 -0.01
N VAL A 56 -9.35 -24.13 0.02
CA VAL A 56 -8.24 -24.70 -0.74
C VAL A 56 -7.93 -26.11 -0.20
N PRO A 57 -7.95 -27.10 -1.11
CA PRO A 57 -7.91 -28.51 -0.67
C PRO A 57 -6.67 -28.89 0.14
N ASP A 58 -5.50 -28.31 -0.15
CA ASP A 58 -4.29 -28.68 0.60
C ASP A 58 -4.08 -27.79 1.82
N GLY A 59 -4.97 -26.81 1.98
CA GLY A 59 -4.92 -25.92 3.13
C GLY A 59 -3.65 -25.09 3.22
N LYS A 60 -3.10 -24.70 2.06
CA LYS A 60 -1.90 -23.87 2.01
C LYS A 60 -2.12 -22.53 1.30
N TYR A 61 -1.27 -21.54 1.59
CA TYR A 61 -1.38 -20.23 0.93
C TYR A 61 -0.78 -20.27 -0.46
N GLY A 62 0.50 -20.64 -0.54
CA GLY A 62 1.14 -20.73 -1.83
C GLY A 62 2.63 -20.49 -1.77
N ALA A 63 3.39 -21.56 -1.92
CA ALA A 63 4.84 -21.51 -1.93
C ALA A 63 5.38 -22.51 -2.96
N GLN A 64 6.68 -22.43 -3.23
CA GLN A 64 7.34 -23.41 -4.08
C GLN A 64 8.15 -24.41 -3.24
N ASN A 65 8.13 -25.68 -3.64
CA ASN A 65 9.06 -26.65 -3.06
C ASN A 65 10.42 -26.48 -3.73
N ASP A 66 11.39 -27.31 -3.35
CA ASP A 66 12.74 -27.15 -3.90
C ASP A 66 12.77 -27.45 -5.40
N LYS A 67 11.75 -28.17 -5.88
CA LYS A 67 11.62 -28.44 -7.30
C LYS A 67 10.98 -27.25 -8.03
N GLY A 68 10.41 -26.32 -7.26
CA GLY A 68 9.81 -25.13 -7.83
C GLY A 68 8.35 -25.32 -8.25
N GLU A 69 7.73 -26.39 -7.79
CA GLU A 69 6.30 -26.58 -8.04
C GLU A 69 5.53 -25.79 -6.99
N TRP A 70 4.42 -25.17 -7.39
CA TRP A 70 3.61 -24.39 -6.46
C TRP A 70 2.56 -25.23 -5.74
N ASN A 71 2.07 -24.71 -4.61
CA ASN A 71 0.97 -25.34 -3.89
C ASN A 71 -0.06 -24.30 -3.50
N GLY A 72 -1.03 -24.70 -2.68
CA GLY A 72 -1.96 -23.77 -2.07
C GLY A 72 -2.88 -23.01 -3.02
N MET A 73 -3.41 -21.89 -2.55
CA MET A 73 -4.30 -21.08 -3.38
C MET A 73 -3.61 -20.61 -4.64
N VAL A 74 -2.30 -20.36 -4.55
CA VAL A 74 -1.55 -19.89 -5.72
C VAL A 74 -1.59 -20.95 -6.84
N LYS A 75 -1.32 -22.21 -6.49
CA LYS A 75 -1.41 -23.31 -7.45
C LYS A 75 -2.82 -23.45 -8.06
N GLU A 76 -3.85 -23.30 -7.22
CA GLU A 76 -5.24 -23.36 -7.68
C GLU A 76 -5.48 -22.36 -8.80
N LEU A 77 -4.91 -21.16 -8.70
CA LEU A 77 -5.10 -20.14 -9.72
C LEU A 77 -4.29 -20.47 -10.97
N ILE A 78 -3.01 -20.81 -10.79
CA ILE A 78 -2.14 -21.15 -11.90
C ILE A 78 -2.79 -22.23 -12.75
N ASP A 79 -3.34 -23.24 -12.08
CA ASP A 79 -3.97 -24.40 -12.73
C ASP A 79 -5.40 -24.17 -13.19
N HIS A 80 -5.93 -22.96 -12.98
CA HIS A 80 -7.32 -22.67 -13.35
C HIS A 80 -8.34 -23.56 -12.64
N ARG A 81 -8.06 -23.90 -11.39
CA ARG A 81 -9.04 -24.59 -10.56
C ARG A 81 -9.91 -23.60 -9.81
N ALA A 82 -9.49 -22.33 -9.82
CA ALA A 82 -10.26 -21.26 -9.22
C ALA A 82 -10.19 -20.01 -10.10
N ASP A 83 -11.23 -19.19 -10.05
CA ASP A 83 -11.25 -17.91 -10.77
C ASP A 83 -10.60 -16.81 -9.94
N LEU A 84 -10.83 -16.84 -8.63
CA LEU A 84 -10.33 -15.81 -7.72
C LEU A 84 -9.89 -16.46 -6.43
N ALA A 85 -8.90 -15.84 -5.78
CA ALA A 85 -8.52 -16.20 -4.42
C ALA A 85 -8.78 -14.98 -3.54
N VAL A 86 -9.65 -15.12 -2.54
CA VAL A 86 -9.95 -14.02 -1.63
C VAL A 86 -9.62 -14.50 -0.22
N ALA A 87 -8.55 -13.94 0.33
CA ALA A 87 -7.93 -14.45 1.56
C ALA A 87 -6.85 -13.45 1.95
N PRO A 88 -6.28 -13.58 3.17
CA PRO A 88 -5.12 -12.72 3.45
C PRO A 88 -3.88 -13.22 2.72
N LEU A 89 -3.95 -13.18 1.39
CA LEU A 89 -2.87 -13.67 0.54
C LEU A 89 -1.91 -12.53 0.18
N THR A 90 -0.70 -12.60 0.73
CA THR A 90 0.23 -11.47 0.61
C THR A 90 0.77 -11.31 -0.79
N ILE A 91 0.71 -10.08 -1.30
CA ILE A 91 1.23 -9.78 -2.62
C ILE A 91 2.75 -9.76 -2.54
N THR A 92 3.41 -10.68 -3.25
CA THR A 92 4.87 -10.79 -3.18
C THR A 92 5.44 -10.94 -4.57
N TYR A 93 6.75 -10.69 -4.68
CA TYR A 93 7.46 -10.80 -5.95
C TYR A 93 7.31 -12.20 -6.56
N VAL A 94 7.63 -13.24 -5.79
CA VAL A 94 7.54 -14.60 -6.31
C VAL A 94 6.14 -14.98 -6.79
N ARG A 95 5.12 -14.56 -6.05
CA ARG A 95 3.75 -14.92 -6.41
C ARG A 95 3.25 -14.09 -7.60
N GLU A 96 3.57 -12.81 -7.61
CA GLU A 96 3.08 -11.92 -8.67
C GLU A 96 3.61 -12.36 -10.03
N LYS A 97 4.75 -13.04 -10.05
CA LYS A 97 5.27 -13.57 -11.29
C LYS A 97 4.43 -14.73 -11.86
N VAL A 98 3.67 -15.43 -11.02
CA VAL A 98 2.89 -16.57 -11.52
C VAL A 98 1.36 -16.41 -11.54
N ILE A 99 0.85 -15.41 -10.80
CA ILE A 99 -0.57 -15.05 -10.87
C ILE A 99 -0.71 -13.55 -11.06
N ASP A 100 -1.92 -13.07 -11.35
CA ASP A 100 -2.20 -11.63 -11.45
C ASP A 100 -2.96 -11.15 -10.21
N PHE A 101 -2.30 -10.41 -9.32
CA PHE A 101 -2.96 -9.86 -8.14
C PHE A 101 -3.70 -8.59 -8.49
N SER A 102 -4.86 -8.38 -7.87
CA SER A 102 -5.46 -7.05 -7.83
C SER A 102 -4.60 -6.14 -6.93
N LYS A 103 -4.84 -4.84 -6.97
CA LYS A 103 -4.20 -3.95 -5.97
C LYS A 103 -4.65 -4.31 -4.55
N PRO A 104 -3.84 -3.94 -3.54
CA PRO A 104 -4.20 -4.41 -2.20
C PRO A 104 -5.53 -3.87 -1.64
N PHE A 105 -6.31 -4.73 -0.99
CA PHE A 105 -7.47 -4.26 -0.25
C PHE A 105 -7.12 -3.92 1.19
N MET A 106 -5.93 -4.34 1.62
CA MET A 106 -5.47 -4.06 2.99
C MET A 106 -3.96 -3.95 2.93
N THR A 107 -3.40 -2.98 3.64
CA THR A 107 -1.94 -2.85 3.71
C THR A 107 -1.44 -3.34 5.05
N LEU A 108 -0.15 -3.67 5.10
CA LEU A 108 0.42 -4.32 6.27
C LEU A 108 1.93 -4.35 6.13
N GLY A 109 2.61 -4.76 7.21
CA GLY A 109 4.03 -5.02 7.15
C GLY A 109 4.34 -6.11 8.16
N ILE A 110 5.50 -6.74 8.01
CA ILE A 110 5.93 -7.70 9.01
C ILE A 110 6.27 -6.93 10.28
N SER A 111 5.78 -7.44 11.42
CA SER A 111 6.16 -6.88 12.70
C SER A 111 6.30 -8.04 13.70
N ILE A 112 6.42 -7.72 14.99
CA ILE A 112 6.69 -8.75 16.01
C ILE A 112 5.55 -8.86 17.00
N LEU A 113 5.04 -10.08 17.18
CA LEU A 113 4.07 -10.37 18.23
C LEU A 113 4.81 -10.98 19.42
N TYR A 114 4.67 -10.37 20.58
CA TYR A 114 5.40 -10.83 21.76
C TYR A 114 4.55 -10.48 22.98
N ARG A 115 4.95 -10.94 24.16
CA ARG A 115 4.21 -10.58 25.36
C ARG A 115 4.56 -9.15 25.81
N LYS A 116 3.62 -8.50 26.46
CA LYS A 116 3.85 -7.20 27.07
C LYS A 116 4.85 -7.30 28.22
N GLY A 117 5.49 -6.18 28.55
CA GLY A 117 6.34 -6.09 29.72
C GLY A 117 7.78 -6.48 29.48
N THR A 118 8.17 -6.71 28.23
CA THR A 118 9.58 -7.01 27.97
C THR A 118 10.32 -5.74 27.57
N PRO A 119 11.66 -5.75 27.66
CA PRO A 119 12.41 -4.60 27.14
C PRO A 119 12.78 -4.71 25.65
N ILE A 120 12.35 -5.76 24.96
CA ILE A 120 12.57 -5.87 23.52
C ILE A 120 11.82 -4.76 22.78
N ASP A 121 12.50 -4.01 21.91
CA ASP A 121 11.83 -2.90 21.20
C ASP A 121 11.92 -2.98 19.68
N SER A 122 12.71 -3.91 19.16
CA SER A 122 12.89 -4.02 17.71
C SER A 122 13.37 -5.39 17.26
N ALA A 123 13.34 -5.61 15.94
CA ALA A 123 13.89 -6.82 15.35
C ALA A 123 15.38 -6.93 15.65
N ASP A 124 16.05 -5.78 15.68
CA ASP A 124 17.47 -5.79 15.97
C ASP A 124 17.72 -6.33 17.38
N ASP A 125 16.84 -5.99 18.32
CA ASP A 125 16.98 -6.53 19.69
C ASP A 125 16.88 -8.05 19.69
N LEU A 126 16.03 -8.60 18.84
CA LEU A 126 15.93 -10.05 18.76
C LEU A 126 17.16 -10.66 18.08
N ALA A 127 17.61 -10.07 16.98
CA ALA A 127 18.72 -10.62 16.20
C ALA A 127 20.02 -10.70 17.01
N LYS A 128 20.20 -9.77 17.93
CA LYS A 128 21.44 -9.66 18.69
C LYS A 128 21.58 -10.72 19.79
N GLN A 129 20.48 -11.38 20.13
CA GLN A 129 20.47 -12.30 21.26
C GLN A 129 19.99 -13.70 20.86
N THR A 130 20.16 -14.66 21.77
CA THR A 130 19.76 -16.04 21.47
C THR A 130 18.86 -16.64 22.54
N LYS A 131 18.73 -15.96 23.67
CA LYS A 131 17.84 -16.43 24.74
C LYS A 131 16.39 -16.51 24.27
N ILE A 132 15.86 -15.39 23.77
CA ILE A 132 14.49 -15.40 23.30
C ILE A 132 14.43 -16.05 21.93
N GLU A 133 13.54 -17.02 21.80
CA GLU A 133 13.38 -17.70 20.53
C GLU A 133 12.42 -16.87 19.69
N TYR A 134 12.61 -16.89 18.38
CA TYR A 134 11.67 -16.22 17.49
C TYR A 134 11.58 -16.96 16.17
N GLY A 135 10.43 -16.84 15.51
CA GLY A 135 10.23 -17.54 14.26
C GLY A 135 9.04 -16.99 13.52
N ALA A 136 8.57 -17.76 12.54
CA ALA A 136 7.46 -17.35 11.70
C ALA A 136 6.74 -18.60 11.21
N VAL A 137 5.61 -18.40 10.53
CA VAL A 137 4.89 -19.55 9.97
C VAL A 137 5.65 -20.12 8.77
N ARG A 138 6.00 -21.40 8.83
CA ARG A 138 6.75 -22.05 7.74
C ARG A 138 6.11 -21.84 6.36
N ASP A 139 6.93 -21.41 5.40
CA ASP A 139 6.52 -21.20 4.00
C ASP A 139 5.60 -20.00 3.75
N GLY A 140 5.28 -19.24 4.79
CA GLY A 140 4.52 -18.00 4.59
C GLY A 140 5.42 -16.94 4.00
N SER A 141 4.84 -15.83 3.55
CA SER A 141 5.62 -14.76 2.94
CA SER A 141 5.61 -14.74 2.94
C SER A 141 6.60 -14.14 3.92
N THR A 142 6.28 -14.23 5.21
CA THR A 142 7.15 -13.66 6.23
C THR A 142 8.46 -14.46 6.31
N MET A 143 8.33 -15.79 6.43
CA MET A 143 9.50 -16.68 6.40
C MET A 143 10.32 -16.45 5.13
N THR A 144 9.63 -16.37 3.98
CA THR A 144 10.32 -16.20 2.72
C THR A 144 11.05 -14.86 2.67
N PHE A 145 10.43 -13.82 3.24
CA PHE A 145 11.12 -12.54 3.36
C PHE A 145 12.47 -12.68 4.05
N PHE A 146 12.50 -13.41 5.16
CA PHE A 146 13.76 -13.57 5.89
C PHE A 146 14.74 -14.45 5.14
N LYS A 147 14.24 -15.54 4.55
CA LYS A 147 15.05 -16.43 3.74
C LYS A 147 15.80 -15.68 2.63
N LYS A 148 15.13 -14.72 1.99
CA LYS A 148 15.68 -14.07 0.80
C LYS A 148 16.38 -12.74 1.06
N SER A 149 16.32 -12.24 2.29
CA SER A 149 16.89 -10.93 2.58
C SER A 149 18.42 -10.98 2.59
N LYS A 150 19.03 -9.90 2.11
CA LYS A 150 20.47 -9.71 2.20
C LYS A 150 20.78 -8.64 3.23
N ILE A 151 19.76 -8.18 3.94
CA ILE A 151 19.99 -7.23 5.03
C ILE A 151 20.61 -7.98 6.20
N SER A 152 21.69 -7.42 6.75
CA SER A 152 22.49 -8.09 7.76
C SER A 152 21.68 -8.64 8.92
N THR A 153 20.85 -7.78 9.52
CA THR A 153 20.04 -8.14 10.67
C THR A 153 19.09 -9.29 10.33
N TYR A 154 18.49 -9.22 9.14
CA TYR A 154 17.49 -10.19 8.71
C TYR A 154 18.13 -11.51 8.30
N GLU A 155 19.36 -11.43 7.77
CA GLU A 155 20.15 -12.62 7.49
C GLU A 155 20.45 -13.37 8.78
N LYS A 156 20.85 -12.62 9.82
CA LYS A 156 21.14 -13.20 11.13
C LYS A 156 19.91 -13.89 11.69
N MET A 157 18.77 -13.21 11.57
CA MET A 157 17.52 -13.78 12.04
C MET A 157 17.17 -15.05 11.26
N TRP A 158 17.40 -15.04 9.95
CA TRP A 158 17.11 -16.23 9.15
C TRP A 158 17.99 -17.41 9.52
N ALA A 159 19.26 -17.17 9.81
CA ALA A 159 20.13 -18.25 10.26
C ALA A 159 19.60 -18.83 11.57
N PHE A 160 19.10 -17.97 12.45
CA PHE A 160 18.54 -18.47 13.69
C PHE A 160 17.29 -19.32 13.42
N MET A 161 16.36 -18.76 12.63
CA MET A 161 15.10 -19.45 12.34
C MET A 161 15.25 -20.79 11.63
N SER A 162 16.26 -20.92 10.77
CA SER A 162 16.45 -22.17 10.03
C SER A 162 17.33 -23.15 10.79
N SER A 163 17.86 -22.70 11.93
CA SER A 163 18.68 -23.57 12.75
C SER A 163 17.84 -24.67 13.41
N ARG A 164 18.49 -25.77 13.77
CA ARG A 164 17.84 -26.91 14.42
C ARG A 164 16.64 -27.44 13.62
N GLN A 165 16.81 -27.49 12.30
CA GLN A 165 15.78 -27.94 11.37
C GLN A 165 14.48 -27.14 11.49
N GLN A 166 14.64 -25.83 11.61
CA GLN A 166 13.51 -24.89 11.67
C GLN A 166 12.59 -25.16 12.87
N SER A 167 13.15 -25.55 14.01
CA SER A 167 12.36 -25.74 15.22
CA SER A 167 12.40 -25.73 15.25
C SER A 167 11.69 -24.44 15.67
N ALA A 168 12.28 -23.30 15.32
CA ALA A 168 11.70 -22.00 15.71
C ALA A 168 10.50 -21.60 14.86
N LEU A 169 10.26 -22.32 13.76
CA LEU A 169 9.11 -22.04 12.90
C LEU A 169 7.85 -22.76 13.41
N VAL A 170 6.67 -22.27 13.00
CA VAL A 170 5.40 -22.92 13.32
C VAL A 170 4.62 -23.22 12.06
N LYS A 171 3.67 -24.16 12.13
CA LYS A 171 2.93 -24.55 10.92
C LYS A 171 1.81 -23.57 10.57
N ASN A 172 1.30 -22.85 11.56
CA ASN A 172 0.23 -21.89 11.31
C ASN A 172 0.17 -20.82 12.40
N SER A 173 -0.64 -19.79 12.17
CA SER A 173 -0.67 -18.65 13.08
C SER A 173 -1.18 -19.02 14.47
N ASP A 174 -2.26 -19.78 14.55
CA ASP A 174 -2.77 -20.23 15.84
C ASP A 174 -1.67 -20.91 16.67
N GLU A 175 -0.87 -21.75 16.03
CA GLU A 175 0.26 -22.38 16.73
C GLU A 175 1.27 -21.33 17.22
N GLY A 176 1.57 -20.35 16.37
CA GLY A 176 2.49 -19.28 16.74
C GLY A 176 1.98 -18.52 17.95
N ILE A 177 0.69 -18.21 17.95
CA ILE A 177 0.06 -17.49 19.06
C ILE A 177 0.14 -18.24 20.38
N GLN A 178 -0.20 -19.53 20.37
CA GLN A 178 -0.10 -20.32 21.60
C GLN A 178 1.35 -20.38 22.08
N ARG A 179 2.28 -20.47 21.13
CA ARG A 179 3.70 -20.52 21.47
C ARG A 179 4.17 -19.22 22.16
N VAL A 180 3.73 -18.07 21.63
CA VAL A 180 4.01 -16.78 22.27
C VAL A 180 3.41 -16.69 23.68
N LEU A 181 2.19 -17.19 23.84
CA LEU A 181 1.51 -17.14 25.13
C LEU A 181 2.16 -18.01 26.20
N THR A 182 2.73 -19.14 25.78
CA THR A 182 3.15 -20.18 26.71
C THR A 182 4.63 -20.13 27.03
N THR A 183 5.44 -19.80 26.03
CA THR A 183 6.89 -19.91 26.18
C THR A 183 7.57 -18.58 25.92
N ASP A 184 8.90 -18.54 26.05
CA ASP A 184 9.62 -17.33 25.70
C ASP A 184 9.93 -17.29 24.20
N TYR A 185 8.96 -16.79 23.44
CA TYR A 185 8.98 -16.89 21.99
C TYR A 185 8.31 -15.67 21.38
N ALA A 186 8.92 -15.12 20.34
CA ALA A 186 8.34 -13.99 19.61
C ALA A 186 8.03 -14.44 18.18
N LEU A 187 6.84 -14.08 17.70
CA LEU A 187 6.41 -14.48 16.36
C LEU A 187 6.53 -13.31 15.39
N LEU A 188 7.28 -13.49 14.31
CA LEU A 188 7.26 -12.51 13.24
C LEU A 188 5.95 -12.73 12.48
N MET A 189 5.10 -11.72 12.46
CA MET A 189 3.70 -11.88 12.03
C MET A 189 3.27 -10.60 11.31
N GLU A 190 2.35 -10.73 10.36
CA GLU A 190 1.83 -9.57 9.63
C GLU A 190 1.03 -8.63 10.54
N SER A 191 1.29 -7.32 10.41
CA SER A 191 0.79 -6.33 11.36
C SER A 191 -0.72 -6.34 11.60
N THR A 192 -1.47 -6.59 10.53
CA THR A 192 -2.93 -6.63 10.60
C THR A 192 -3.38 -7.80 11.49
N SER A 193 -2.68 -8.92 11.37
CA SER A 193 -3.01 -10.06 12.19
C SER A 193 -2.65 -9.79 13.66
N ILE A 194 -1.50 -9.16 13.88
CA ILE A 194 -1.12 -8.78 15.24
C ILE A 194 -2.17 -7.88 15.90
N GLU A 195 -2.65 -6.89 15.15
CA GLU A 195 -3.74 -6.03 15.61
C GLU A 195 -4.94 -6.82 16.11
N TYR A 196 -5.33 -7.82 15.34
CA TYR A 196 -6.49 -8.63 15.70
C TYR A 196 -6.18 -9.49 16.93
N VAL A 197 -4.99 -10.08 16.95
CA VAL A 197 -4.58 -10.92 18.08
C VAL A 197 -4.48 -10.16 19.40
N THR A 198 -3.92 -8.95 19.35
CA THR A 198 -3.64 -8.21 20.58
C THR A 198 -4.91 -7.60 21.16
N GLN A 199 -5.94 -7.49 20.33
CA GLN A 199 -7.26 -7.05 20.82
C GLN A 199 -7.96 -8.18 21.58
N ARG A 200 -7.48 -9.40 21.42
CA ARG A 200 -8.11 -10.57 22.04
C ARG A 200 -7.24 -11.21 23.12
N ASN A 201 -5.95 -10.88 23.12
CA ASN A 201 -5.00 -11.42 24.08
C ASN A 201 -4.29 -10.25 24.74
N CYS A 202 -4.79 -9.80 25.88
CA CYS A 202 -4.38 -8.51 26.42
C CYS A 202 -3.00 -8.54 27.09
N ASN A 203 -2.37 -9.71 27.09
CA ASN A 203 -1.03 -9.83 27.61
CA ASN A 203 -1.03 -9.90 27.61
C ASN A 203 0.00 -9.79 26.48
N LEU A 204 -0.50 -9.68 25.25
CA LEU A 204 0.37 -9.62 24.08
C LEU A 204 0.39 -8.22 23.44
N THR A 205 1.44 -7.93 22.68
CA THR A 205 1.54 -6.63 22.04
C THR A 205 2.42 -6.75 20.81
N GLN A 206 2.32 -5.75 19.93
CA GLN A 206 3.26 -5.61 18.83
C GLN A 206 4.57 -5.00 19.34
N ILE A 207 5.70 -5.54 18.91
CA ILE A 207 7.00 -4.98 19.25
C ILE A 207 7.58 -4.25 18.05
N GLY A 208 7.88 -2.97 18.24
CA GLY A 208 8.48 -2.16 17.20
C GLY A 208 7.46 -1.80 16.15
N GLY A 209 7.95 -1.35 14.99
CA GLY A 209 7.07 -0.98 13.90
C GLY A 209 7.08 -2.03 12.79
N LEU A 210 6.74 -1.60 11.58
CA LEU A 210 6.73 -2.50 10.44
C LEU A 210 8.10 -2.51 9.80
N ILE A 211 8.61 -3.69 9.45
CA ILE A 211 9.92 -3.77 8.84
C ILE A 211 9.82 -3.74 7.32
N ASP A 212 8.60 -3.89 6.81
CA ASP A 212 8.39 -3.71 5.37
C ASP A 212 7.00 -3.16 5.06
N SER A 213 6.66 -3.07 3.77
CA SER A 213 5.39 -2.52 3.36
C SER A 213 4.82 -3.33 2.20
N LYS A 214 3.69 -3.97 2.43
CA LYS A 214 3.04 -4.73 1.37
C LYS A 214 1.54 -4.78 1.57
N GLY A 215 0.87 -5.68 0.85
CA GLY A 215 -0.58 -5.72 0.90
C GLY A 215 -1.15 -7.11 0.66
N TYR A 216 -2.42 -7.29 1.01
CA TYR A 216 -3.21 -8.45 0.61
C TYR A 216 -3.98 -8.08 -0.66
N GLY A 217 -3.92 -8.92 -1.68
CA GLY A 217 -4.68 -8.67 -2.88
C GLY A 217 -5.51 -9.87 -3.28
N VAL A 218 -6.55 -9.63 -4.08
CA VAL A 218 -7.31 -10.74 -4.64
C VAL A 218 -6.46 -11.39 -5.73
N GLY A 219 -6.30 -12.70 -5.66
CA GLY A 219 -5.52 -13.39 -6.66
C GLY A 219 -6.38 -13.83 -7.84
N THR A 220 -5.85 -13.68 -9.04
CA THR A 220 -6.51 -14.22 -10.25
C THR A 220 -5.46 -14.91 -11.11
N PRO A 221 -5.88 -15.84 -11.98
CA PRO A 221 -4.90 -16.44 -12.89
C PRO A 221 -4.35 -15.38 -13.83
N ILE A 222 -3.11 -15.55 -14.28
CA ILE A 222 -2.53 -14.60 -15.23
C ILE A 222 -3.43 -14.49 -16.44
N GLY A 223 -3.77 -13.25 -16.81
CA GLY A 223 -4.60 -13.02 -17.98
C GLY A 223 -6.06 -12.83 -17.64
N SER A 224 -6.43 -13.01 -16.37
CA SER A 224 -7.84 -12.92 -15.99
C SER A 224 -8.47 -11.57 -16.31
N PRO A 225 -9.67 -11.60 -16.91
CA PRO A 225 -10.44 -10.39 -17.22
C PRO A 225 -11.07 -9.80 -15.97
N TYR A 226 -10.98 -10.47 -14.83
CA TYR A 226 -11.56 -9.93 -13.59
C TYR A 226 -10.58 -9.07 -12.78
N ARG A 227 -9.29 -9.21 -13.05
CA ARG A 227 -8.29 -8.58 -12.18
C ARG A 227 -8.40 -7.06 -12.14
N ASP A 228 -8.40 -6.42 -13.30
CA ASP A 228 -8.47 -4.96 -13.35
C ASP A 228 -9.81 -4.45 -12.80
N LYS A 229 -10.91 -5.14 -13.12
CA LYS A 229 -12.22 -4.76 -12.60
C LYS A 229 -12.27 -4.80 -11.08
N ILE A 230 -11.60 -5.81 -10.52
CA ILE A 230 -11.57 -5.98 -9.06
C ILE A 230 -10.70 -4.90 -8.41
N THR A 231 -9.55 -4.61 -9.02
CA THR A 231 -8.73 -3.47 -8.59
C THR A 231 -9.57 -2.20 -8.52
N ILE A 232 -10.33 -1.93 -9.57
CA ILE A 232 -11.11 -0.70 -9.64
C ILE A 232 -12.18 -0.71 -8.55
N ALA A 233 -12.85 -1.84 -8.38
CA ALA A 233 -13.85 -1.97 -7.32
C ALA A 233 -13.23 -1.75 -5.95
N ILE A 234 -12.05 -2.32 -5.71
CA ILE A 234 -11.35 -2.15 -4.43
C ILE A 234 -10.96 -0.68 -4.16
N LEU A 235 -10.45 0.01 -5.19
CA LEU A 235 -10.08 1.42 -5.04
C LEU A 235 -11.30 2.24 -4.62
N GLN A 236 -12.43 1.91 -5.22
CA GLN A 236 -13.68 2.59 -4.91
C GLN A 236 -14.17 2.30 -3.49
N LEU A 237 -14.11 1.04 -3.07
CA LEU A 237 -14.47 0.71 -1.69
C LEU A 237 -13.52 1.42 -0.70
N GLN A 238 -12.24 1.53 -1.04
CA GLN A 238 -11.30 2.19 -0.14
C GLN A 238 -11.69 3.66 -0.04
N GLU A 239 -11.88 4.30 -1.19
CA GLU A 239 -12.17 5.74 -1.20
C GLU A 239 -13.49 6.07 -0.51
N GLU A 240 -14.43 5.13 -0.54
CA GLU A 240 -15.73 5.35 0.08
C GLU A 240 -15.71 5.08 1.59
N GLY A 241 -14.56 4.62 2.08
CA GLY A 241 -14.40 4.30 3.49
C GLY A 241 -15.01 2.97 3.90
N LYS A 242 -15.48 2.20 2.93
CA LYS A 242 -16.12 0.92 3.25
C LYS A 242 -15.13 -0.13 3.74
N LEU A 243 -13.94 -0.19 3.13
CA LEU A 243 -12.94 -1.17 3.57
C LEU A 243 -12.51 -0.89 5.00
N HIS A 244 -12.33 0.39 5.31
CA HIS A 244 -12.02 0.79 6.68
C HIS A 244 -13.11 0.30 7.62
N MET A 245 -14.38 0.53 7.26
CA MET A 245 -15.50 0.07 8.06
C MET A 245 -15.48 -1.44 8.21
N MET A 246 -15.16 -2.13 7.12
CA MET A 246 -15.15 -3.58 7.18
C MET A 246 -14.09 -4.08 8.15
N LYS A 247 -12.93 -3.43 8.14
CA LYS A 247 -11.85 -3.82 9.04
C LYS A 247 -12.27 -3.56 10.49
N GLU A 248 -12.83 -2.39 10.73
CA GLU A 248 -13.29 -2.01 12.07
C GLU A 248 -14.27 -3.05 12.63
N LYS A 249 -15.22 -3.49 11.81
CA LYS A 249 -16.20 -4.50 12.21
C LYS A 249 -15.54 -5.80 12.69
N TRP A 250 -14.59 -6.30 11.92
CA TRP A 250 -14.00 -7.61 12.21
C TRP A 250 -12.84 -7.60 13.23
N TRP A 251 -12.19 -6.46 13.37
CA TRP A 251 -11.01 -6.36 14.24
C TRP A 251 -11.32 -6.03 15.70
N ARG A 252 -12.45 -5.39 15.97
CA ARG A 252 -12.75 -4.89 17.31
C ARG A 252 -13.01 -6.01 18.33
N ARG B 4 13.66 -0.84 -27.80
CA ARG B 4 13.37 0.57 -28.08
C ARG B 4 13.44 1.44 -26.81
N THR B 5 13.24 2.75 -26.99
CA THR B 5 13.37 3.70 -25.91
C THR B 5 12.00 4.19 -25.42
N LEU B 6 11.76 4.03 -24.11
CA LEU B 6 10.50 4.44 -23.52
C LEU B 6 10.45 5.95 -23.26
N ILE B 7 9.30 6.55 -23.56
CA ILE B 7 9.06 7.95 -23.21
C ILE B 7 8.43 7.99 -21.82
N VAL B 8 9.10 8.64 -20.88
CA VAL B 8 8.59 8.75 -19.52
C VAL B 8 8.11 10.16 -19.24
N THR B 9 6.80 10.31 -19.01
CA THR B 9 6.29 11.61 -18.63
C THR B 9 6.44 11.78 -17.11
N THR B 10 6.80 13.00 -16.69
CA THR B 10 6.97 13.31 -15.27
C THR B 10 6.68 14.79 -15.06
N ILE B 11 6.79 15.25 -13.82
CA ILE B 11 6.49 16.63 -13.49
C ILE B 11 7.43 17.02 -12.36
N LEU B 12 7.84 18.29 -12.29
CA LEU B 12 8.70 18.74 -11.20
C LEU B 12 7.92 18.77 -9.89
N GLU B 13 8.46 18.11 -8.87
CA GLU B 13 7.81 18.05 -7.56
C GLU B 13 8.87 17.54 -6.57
N GLU B 14 9.24 18.36 -5.58
CA GLU B 14 10.24 17.94 -4.61
C GLU B 14 9.64 16.93 -3.66
N PRO B 15 10.43 15.92 -3.26
CA PRO B 15 11.77 15.63 -3.78
C PRO B 15 11.72 14.50 -4.79
N TYR B 16 10.57 14.30 -5.43
CA TYR B 16 10.43 13.17 -6.36
C TYR B 16 11.18 13.43 -7.66
N VAL B 17 11.00 14.62 -8.21
CA VAL B 17 11.60 14.99 -9.48
C VAL B 17 12.01 16.45 -9.42
N MET B 18 13.31 16.71 -9.55
CA MET B 18 13.82 18.07 -9.41
C MET B 18 14.89 18.38 -10.47
N TYR B 19 15.02 19.65 -10.82
CA TYR B 19 16.17 20.08 -11.59
C TYR B 19 17.45 19.90 -10.78
N ARG B 20 18.40 19.15 -11.34
CA ARG B 20 19.72 19.00 -10.76
C ARG B 20 20.39 20.38 -10.67
N LYS B 21 21.25 20.57 -9.67
CA LYS B 21 21.98 21.84 -9.53
C LYS B 21 23.35 21.78 -10.21
N SER B 22 23.62 22.74 -11.08
CA SER B 22 24.89 22.76 -11.81
C SER B 22 25.18 24.15 -12.35
N ASP B 23 26.43 24.41 -12.70
CA ASP B 23 26.83 25.72 -13.18
C ASP B 23 26.70 25.82 -14.68
N LYS B 24 26.55 24.65 -15.32
CA LYS B 24 26.42 24.58 -16.77
C LYS B 24 24.98 24.26 -17.13
N PRO B 25 24.55 24.69 -18.33
CA PRO B 25 23.24 24.26 -18.83
C PRO B 25 23.18 22.73 -18.94
N LEU B 26 22.04 22.15 -18.57
CA LEU B 26 21.85 20.70 -18.58
C LEU B 26 20.92 20.26 -19.71
N TYR B 27 21.10 19.02 -20.16
CA TYR B 27 20.35 18.47 -21.27
C TYR B 27 19.86 17.06 -20.95
N GLY B 28 18.80 16.63 -21.62
CA GLY B 28 18.33 15.26 -21.53
C GLY B 28 17.95 14.83 -20.13
N ASN B 29 18.19 13.56 -19.83
CA ASN B 29 17.86 12.99 -18.53
C ASN B 29 18.72 13.58 -17.42
N ASP B 30 19.89 14.09 -17.80
CA ASP B 30 20.82 14.72 -16.86
C ASP B 30 20.29 16.01 -16.21
N ARG B 31 19.20 16.54 -16.74
CA ARG B 31 18.56 17.70 -16.11
C ARG B 31 17.96 17.36 -14.74
N PHE B 32 17.62 16.10 -14.53
CA PHE B 32 16.77 15.75 -13.39
C PHE B 32 17.44 14.89 -12.33
N GLU B 33 16.95 15.02 -11.10
CA GLU B 33 17.36 14.09 -10.03
C GLU B 33 16.21 13.98 -9.04
N GLY B 34 16.27 12.96 -8.20
CA GLY B 34 15.28 12.82 -7.16
C GLY B 34 14.88 11.38 -6.96
N TYR B 35 13.93 11.16 -6.08
CA TYR B 35 13.48 9.80 -5.80
C TYR B 35 13.00 9.08 -7.06
N CYS B 36 12.16 9.73 -7.85
CA CYS B 36 11.58 9.07 -9.01
C CYS B 36 12.65 8.75 -10.07
N LEU B 37 13.71 9.56 -10.12
CA LEU B 37 14.79 9.29 -11.07
C LEU B 37 15.57 8.07 -10.65
N ASP B 38 15.84 7.96 -9.35
CA ASP B 38 16.52 6.77 -8.84
C ASP B 38 15.66 5.53 -9.06
N LEU B 39 14.34 5.68 -8.88
CA LEU B 39 13.44 4.56 -9.12
C LEU B 39 13.46 4.17 -10.58
N LEU B 40 13.41 5.16 -11.45
CA LEU B 40 13.41 4.92 -12.89
C LEU B 40 14.70 4.22 -13.32
N LYS B 41 15.83 4.63 -12.74
CA LYS B 41 17.09 3.98 -13.05
C LYS B 41 17.05 2.49 -12.64
N GLU B 42 16.58 2.22 -11.43
CA GLU B 42 16.47 0.82 -10.96
C GLU B 42 15.55 -0.01 -11.83
N LEU B 43 14.43 0.56 -12.24
CA LEU B 43 13.49 -0.14 -13.10
C LEU B 43 14.13 -0.43 -14.45
N SER B 44 14.82 0.56 -14.98
CA SER B 44 15.55 0.43 -16.24
C SER B 44 16.58 -0.67 -16.18
N ASN B 45 17.36 -0.71 -15.11
CA ASN B 45 18.38 -1.75 -14.95
C ASN B 45 17.77 -3.14 -14.86
N ILE B 46 16.66 -3.26 -14.13
CA ILE B 46 16.00 -4.56 -13.95
C ILE B 46 15.33 -5.06 -15.23
N LEU B 47 14.59 -4.19 -15.91
CA LEU B 47 13.81 -4.61 -17.09
C LEU B 47 14.60 -4.51 -18.39
N GLY B 48 15.64 -3.69 -18.40
CA GLY B 48 16.47 -3.53 -19.58
C GLY B 48 15.88 -2.65 -20.67
N PHE B 49 15.37 -1.49 -20.29
CA PHE B 49 14.92 -0.53 -21.30
C PHE B 49 15.72 0.76 -21.21
N LEU B 50 15.78 1.51 -22.30
CA LEU B 50 16.29 2.87 -22.26
C LEU B 50 15.08 3.78 -22.13
N TYR B 51 15.31 5.00 -21.64
CA TYR B 51 14.20 5.92 -21.39
C TYR B 51 14.59 7.37 -21.69
N ASP B 52 13.57 8.15 -22.03
CA ASP B 52 13.69 9.56 -22.34
C ASP B 52 12.69 10.29 -21.45
N VAL B 53 13.20 11.05 -20.48
CA VAL B 53 12.35 11.77 -19.53
C VAL B 53 11.82 13.07 -20.13
N LYS B 54 10.51 13.28 -20.07
CA LYS B 54 9.90 14.48 -20.61
C LYS B 54 8.93 15.09 -19.62
N LEU B 55 9.10 16.37 -19.30
CA LEU B 55 8.12 17.06 -18.47
C LEU B 55 6.79 17.13 -19.20
N VAL B 56 5.71 16.86 -18.46
CA VAL B 56 4.37 16.93 -19.02
C VAL B 56 4.10 18.37 -19.49
N PRO B 57 3.72 18.54 -20.76
CA PRO B 57 3.63 19.88 -21.36
C PRO B 57 2.68 20.82 -20.63
N ASP B 58 1.54 20.33 -20.14
CA ASP B 58 0.60 21.25 -19.49
C ASP B 58 0.88 21.40 -17.99
N GLY B 59 1.91 20.70 -17.49
CA GLY B 59 2.31 20.83 -16.10
C GLY B 59 1.28 20.34 -15.10
N LYS B 60 0.47 19.36 -15.51
CA LYS B 60 -0.58 18.84 -14.63
C LYS B 60 -0.43 17.36 -14.37
N TYR B 61 -1.06 16.89 -13.30
CA TYR B 61 -1.02 15.46 -12.93
C TYR B 61 -2.03 14.65 -13.75
N GLY B 62 -3.30 15.02 -13.64
CA GLY B 62 -4.31 14.35 -14.44
C GLY B 62 -5.65 14.44 -13.74
N ALA B 63 -6.56 15.20 -14.33
CA ALA B 63 -7.91 15.32 -13.79
C ALA B 63 -8.88 15.40 -14.97
N GLN B 64 -10.15 15.14 -14.70
CA GLN B 64 -11.16 15.06 -15.74
C GLN B 64 -12.08 16.27 -15.69
N ASN B 65 -12.29 16.94 -16.82
CA ASN B 65 -13.19 18.10 -16.87
C ASN B 65 -14.68 17.74 -16.98
N ASP B 66 -15.50 18.71 -17.39
CA ASP B 66 -16.94 18.54 -17.51
C ASP B 66 -17.33 17.56 -18.62
N LYS B 67 -16.57 17.57 -19.71
CA LYS B 67 -16.84 16.73 -20.87
C LYS B 67 -16.34 15.30 -20.67
N GLY B 68 -15.50 15.09 -19.67
CA GLY B 68 -14.88 13.80 -19.45
C GLY B 68 -13.55 13.72 -20.16
N GLU B 69 -13.01 14.89 -20.47
CA GLU B 69 -11.69 14.99 -21.09
C GLU B 69 -10.58 15.09 -20.03
N TRP B 70 -9.52 14.32 -20.24
CA TRP B 70 -8.42 14.24 -19.29
C TRP B 70 -7.26 15.16 -19.68
N ASN B 71 -6.48 15.57 -18.69
CA ASN B 71 -5.27 16.37 -18.94
C ASN B 71 -4.06 15.76 -18.23
N GLY B 72 -2.94 16.49 -18.21
CA GLY B 72 -1.78 16.09 -17.43
C GLY B 72 -1.09 14.81 -17.89
N MET B 73 -0.31 14.21 -16.99
CA MET B 73 0.42 12.98 -17.34
C MET B 73 -0.54 11.87 -17.70
N VAL B 74 -1.72 11.87 -17.08
CA VAL B 74 -2.73 10.86 -17.37
C VAL B 74 -3.11 10.90 -18.85
N LYS B 75 -3.34 12.11 -19.35
CA LYS B 75 -3.71 12.29 -20.75
C LYS B 75 -2.56 11.93 -21.68
N GLU B 76 -1.34 12.20 -21.25
CA GLU B 76 -0.16 11.79 -22.03
C GLU B 76 -0.18 10.28 -22.31
N LEU B 77 -0.58 9.50 -21.30
CA LEU B 77 -0.58 8.04 -21.44
C LEU B 77 -1.73 7.60 -22.33
N ILE B 78 -2.89 8.16 -22.08
CA ILE B 78 -4.09 7.85 -22.83
C ILE B 78 -3.86 8.07 -24.34
N ASP B 79 -3.13 9.13 -24.69
CA ASP B 79 -2.89 9.44 -26.09
C ASP B 79 -1.66 8.74 -26.65
N HIS B 80 -1.03 7.93 -25.80
CA HIS B 80 0.15 7.14 -26.20
C HIS B 80 1.36 8.01 -26.51
N ARG B 81 1.36 9.24 -25.98
CA ARG B 81 2.52 10.13 -26.13
C ARG B 81 3.62 9.79 -25.13
N ALA B 82 3.32 8.93 -24.17
CA ALA B 82 4.32 8.48 -23.21
C ALA B 82 4.05 7.03 -22.85
N ASP B 83 5.11 6.29 -22.55
CA ASP B 83 5.00 4.88 -22.21
C ASP B 83 4.79 4.66 -20.71
N LEU B 84 5.48 5.47 -19.90
CA LEU B 84 5.34 5.41 -18.44
C LEU B 84 5.13 6.80 -17.92
N ALA B 85 4.44 6.93 -16.78
CA ALA B 85 4.48 8.16 -15.99
C ALA B 85 5.16 7.81 -14.66
N VAL B 86 6.26 8.49 -14.35
CA VAL B 86 6.98 8.22 -13.11
C VAL B 86 7.08 9.50 -12.28
N ALA B 87 6.26 9.57 -11.23
CA ALA B 87 6.01 10.81 -10.53
C ALA B 87 5.19 10.46 -9.29
N PRO B 88 4.97 11.44 -8.37
CA PRO B 88 4.07 11.14 -7.24
C PRO B 88 2.61 11.14 -7.71
N LEU B 89 2.30 10.20 -8.59
CA LEU B 89 0.99 10.16 -9.23
C LEU B 89 0.09 9.23 -8.44
N THR B 90 -0.90 9.81 -7.76
CA THR B 90 -1.72 9.03 -6.83
C THR B 90 -2.66 8.03 -7.53
N ILE B 91 -2.61 6.78 -7.08
CA ILE B 91 -3.51 5.75 -7.58
C ILE B 91 -4.91 5.98 -7.01
N THR B 92 -5.83 6.38 -7.87
CA THR B 92 -7.21 6.60 -7.48
C THR B 92 -8.17 5.82 -8.39
N TYR B 93 -9.39 5.63 -7.89
CA TYR B 93 -10.46 5.00 -8.64
C TYR B 93 -10.66 5.66 -10.01
N VAL B 94 -10.87 6.97 -10.05
CA VAL B 94 -11.12 7.64 -11.34
C VAL B 94 -9.96 7.51 -12.31
N ARG B 95 -8.74 7.52 -11.81
CA ARG B 95 -7.60 7.40 -12.71
C ARG B 95 -7.38 5.95 -13.17
N GLU B 96 -7.58 5.00 -12.26
CA GLU B 96 -7.32 3.60 -12.59
C GLU B 96 -8.27 3.12 -13.70
N LYS B 97 -9.43 3.75 -13.79
CA LYS B 97 -10.35 3.45 -14.88
C LYS B 97 -9.83 3.88 -16.25
N VAL B 98 -8.83 4.77 -16.29
CA VAL B 98 -8.37 5.29 -17.60
C VAL B 98 -6.91 5.01 -17.93
N ILE B 99 -6.14 4.55 -16.95
CA ILE B 99 -4.79 4.07 -17.23
C ILE B 99 -4.57 2.76 -16.47
N ASP B 100 -3.48 2.04 -16.78
CA ASP B 100 -3.08 0.86 -16.00
C ASP B 100 -1.95 1.26 -15.04
N PHE B 101 -2.26 1.42 -13.76
CA PHE B 101 -1.21 1.69 -12.77
C PHE B 101 -0.45 0.43 -12.41
N SER B 102 0.86 0.57 -12.17
CA SER B 102 1.60 -0.48 -11.46
C SER B 102 1.12 -0.48 -10.01
N LYS B 103 1.52 -1.50 -9.27
CA LYS B 103 1.28 -1.50 -7.84
C LYS B 103 2.12 -0.41 -7.18
N PRO B 104 1.71 0.05 -5.99
CA PRO B 104 2.36 1.22 -5.40
C PRO B 104 3.86 1.04 -5.07
N PHE B 105 4.64 2.07 -5.37
CA PHE B 105 6.04 2.07 -4.94
C PHE B 105 6.21 2.83 -3.62
N MET B 106 5.17 3.53 -3.20
CA MET B 106 5.20 4.30 -1.95
C MET B 106 3.77 4.44 -1.50
N THR B 107 3.51 4.22 -0.21
CA THR B 107 2.16 4.39 0.32
C THR B 107 2.06 5.72 1.05
N LEU B 108 0.82 6.13 1.32
CA LEU B 108 0.58 7.44 1.91
C LEU B 108 -0.89 7.61 2.25
N GLY B 109 -1.23 8.77 2.79
CA GLY B 109 -2.61 9.10 3.07
C GLY B 109 -2.73 10.61 3.14
N ILE B 110 -3.96 11.11 3.00
CA ILE B 110 -4.20 12.53 3.16
C ILE B 110 -4.03 12.91 4.63
N SER B 111 -3.34 14.00 4.87
CA SER B 111 -3.19 14.51 6.22
C SER B 111 -3.11 16.04 6.19
N ILE B 112 -2.72 16.64 7.32
CA ILE B 112 -2.79 18.09 7.46
C ILE B 112 -1.44 18.71 7.78
N LEU B 113 -1.06 19.71 6.97
CA LEU B 113 0.15 20.48 7.20
C LEU B 113 -0.26 21.80 7.83
N TYR B 114 0.38 22.16 8.94
CA TYR B 114 0.00 23.36 9.69
C TYR B 114 1.21 23.93 10.45
N ARG B 115 1.08 25.14 11.00
CA ARG B 115 2.16 25.68 11.82
C ARG B 115 2.15 25.04 13.22
N LYS B 116 3.31 25.00 13.87
CA LYS B 116 3.38 24.46 15.23
C LYS B 116 2.66 25.37 16.23
N GLY B 117 2.41 24.84 17.44
CA GLY B 117 2.01 25.65 18.58
C GLY B 117 0.53 25.81 18.81
N THR B 118 -0.29 25.04 18.09
CA THR B 118 -1.74 25.24 18.13
C THR B 118 -2.46 24.08 18.80
N PRO B 119 -3.72 24.31 19.23
CA PRO B 119 -4.53 23.24 19.83
C PRO B 119 -5.04 22.25 18.79
N ILE B 120 -4.91 22.60 17.51
CA ILE B 120 -5.50 21.81 16.44
C ILE B 120 -4.91 20.40 16.38
N ASP B 121 -5.77 19.40 16.28
CA ASP B 121 -5.35 18.02 16.50
C ASP B 121 -5.87 17.05 15.44
N SER B 122 -6.87 17.48 14.68
CA SER B 122 -7.55 16.58 13.76
C SER B 122 -8.25 17.34 12.64
N ALA B 123 -8.69 16.59 11.63
CA ALA B 123 -9.53 17.14 10.57
C ALA B 123 -10.87 17.60 11.15
N ASP B 124 -11.36 16.86 12.14
CA ASP B 124 -12.61 17.19 12.81
C ASP B 124 -12.57 18.61 13.39
N ASP B 125 -11.45 18.95 14.01
CA ASP B 125 -11.25 20.29 14.56
C ASP B 125 -11.48 21.37 13.51
N LEU B 126 -10.94 21.16 12.32
CA LEU B 126 -11.03 22.15 11.25
C LEU B 126 -12.45 22.27 10.72
N ALA B 127 -13.09 21.13 10.50
CA ALA B 127 -14.42 21.08 9.91
C ALA B 127 -15.48 21.79 10.76
N LYS B 128 -15.23 21.89 12.07
CA LYS B 128 -16.20 22.48 12.98
C LYS B 128 -15.90 23.95 13.28
N GLN B 129 -15.28 24.63 12.32
CA GLN B 129 -15.08 26.07 12.41
C GLN B 129 -14.79 26.69 11.03
N THR B 130 -14.80 28.01 10.99
CA THR B 130 -14.64 28.76 9.75
C THR B 130 -13.53 29.77 9.84
N LYS B 131 -13.05 30.01 11.07
CA LYS B 131 -11.97 30.97 11.31
C LYS B 131 -10.65 30.55 10.68
N ILE B 132 -10.21 29.32 10.95
CA ILE B 132 -8.99 28.81 10.32
C ILE B 132 -9.31 28.34 8.91
N GLU B 133 -8.68 28.97 7.93
CA GLU B 133 -8.84 28.54 6.55
C GLU B 133 -8.10 27.23 6.32
N TYR B 134 -8.61 26.44 5.39
CA TYR B 134 -7.95 25.21 5.00
C TYR B 134 -8.38 24.82 3.60
N GLY B 135 -7.47 24.22 2.84
CA GLY B 135 -7.77 23.80 1.49
C GLY B 135 -6.78 22.77 1.00
N ALA B 136 -6.73 22.61 -0.33
CA ALA B 136 -5.91 21.57 -0.95
C ALA B 136 -5.43 22.09 -2.30
N VAL B 137 -4.53 21.36 -2.96
CA VAL B 137 -4.13 21.76 -4.29
C VAL B 137 -5.27 21.51 -5.26
N ARG B 138 -5.70 22.56 -5.96
CA ARG B 138 -6.80 22.45 -6.93
C ARG B 138 -6.59 21.32 -7.96
N ASP B 139 -7.62 20.51 -8.15
CA ASP B 139 -7.61 19.42 -9.13
C ASP B 139 -6.67 18.24 -8.81
N GLY B 140 -6.06 18.26 -7.62
CA GLY B 140 -5.26 17.13 -7.19
C GLY B 140 -6.16 16.06 -6.62
N SER B 141 -5.60 14.87 -6.38
CA SER B 141 -6.44 13.77 -5.90
C SER B 141 -6.99 14.04 -4.51
N THR B 142 -6.31 14.89 -3.75
CA THR B 142 -6.78 15.25 -2.43
C THR B 142 -8.06 16.06 -2.53
N MET B 143 -8.04 17.07 -3.40
CA MET B 143 -9.25 17.86 -3.65
C MET B 143 -10.36 16.94 -4.14
N THR B 144 -10.04 16.13 -5.15
CA THR B 144 -11.03 15.21 -5.73
C THR B 144 -11.62 14.29 -4.66
N PHE B 145 -10.79 13.88 -3.71
CA PHE B 145 -11.26 13.05 -2.59
C PHE B 145 -12.37 13.75 -1.79
N PHE B 146 -12.12 14.99 -1.41
CA PHE B 146 -13.12 15.75 -0.64
C PHE B 146 -14.36 16.02 -1.48
N LYS B 147 -14.17 16.30 -2.77
CA LYS B 147 -15.31 16.59 -3.64
C LYS B 147 -16.18 15.35 -3.84
N LYS B 148 -15.56 14.21 -4.06
CA LYS B 148 -16.29 12.97 -4.35
C LYS B 148 -16.82 12.29 -3.10
N SER B 149 -16.45 12.79 -1.92
CA SER B 149 -16.76 12.10 -0.68
C SER B 149 -18.25 12.16 -0.31
N LYS B 150 -18.75 11.09 0.28
CA LYS B 150 -20.10 11.07 0.85
C LYS B 150 -20.02 10.88 2.36
N ILE B 151 -18.80 10.97 2.89
CA ILE B 151 -18.59 10.96 4.34
C ILE B 151 -18.86 12.36 4.88
N SER B 152 -19.62 12.45 5.97
CA SER B 152 -20.11 13.74 6.49
C SER B 152 -19.06 14.83 6.76
N THR B 153 -18.01 14.52 7.53
CA THR B 153 -17.03 15.52 7.92
C THR B 153 -16.29 16.05 6.70
N TYR B 154 -16.06 15.18 5.73
CA TYR B 154 -15.31 15.51 4.53
C TYR B 154 -16.25 16.13 3.50
N GLU B 155 -17.53 15.76 3.59
CA GLU B 155 -18.57 16.45 2.84
C GLU B 155 -18.61 17.91 3.26
N LYS B 156 -18.47 18.14 4.57
CA LYS B 156 -18.52 19.47 5.18
C LYS B 156 -17.30 20.31 4.80
N MET B 157 -16.12 19.72 4.92
CA MET B 157 -14.88 20.41 4.55
C MET B 157 -14.89 20.78 3.07
N TRP B 158 -15.42 19.91 2.21
CA TRP B 158 -15.50 20.23 0.80
C TRP B 158 -16.34 21.47 0.55
N ALA B 159 -17.51 21.54 1.19
CA ALA B 159 -18.42 22.66 0.98
C ALA B 159 -17.75 23.99 1.35
N PHE B 160 -16.94 23.96 2.41
CA PHE B 160 -16.19 25.15 2.81
C PHE B 160 -15.04 25.46 1.84
N MET B 161 -14.29 24.42 1.50
CA MET B 161 -13.14 24.49 0.60
C MET B 161 -13.45 25.07 -0.77
N SER B 162 -14.60 24.65 -1.31
CA SER B 162 -15.00 25.03 -2.66
C SER B 162 -15.83 26.30 -2.67
N SER B 163 -16.14 26.84 -1.49
CA SER B 163 -16.97 28.03 -1.40
C SER B 163 -16.19 29.25 -1.85
N ARG B 164 -16.92 30.33 -2.16
CA ARG B 164 -16.29 31.59 -2.58
C ARG B 164 -15.34 31.38 -3.73
N GLN B 165 -15.81 30.67 -4.76
CA GLN B 165 -15.02 30.40 -5.96
C GLN B 165 -13.67 29.76 -5.62
N GLN B 166 -13.68 28.84 -4.67
CA GLN B 166 -12.50 28.05 -4.30
C GLN B 166 -11.31 28.88 -3.82
N SER B 167 -11.58 29.97 -3.11
CA SER B 167 -10.50 30.84 -2.63
C SER B 167 -9.60 30.15 -1.61
N ALA B 168 -10.09 29.08 -0.99
CA ALA B 168 -9.27 28.35 -0.03
C ALA B 168 -8.34 27.35 -0.70
N LEU B 169 -8.51 27.12 -2.00
CA LEU B 169 -7.61 26.20 -2.71
C LEU B 169 -6.34 26.91 -3.21
N VAL B 170 -5.29 26.13 -3.51
CA VAL B 170 -4.05 26.67 -4.07
C VAL B 170 -3.75 25.95 -5.38
N LYS B 171 -2.86 26.51 -6.19
CA LYS B 171 -2.58 25.92 -7.50
C LYS B 171 -1.50 24.84 -7.43
N ASN B 172 -0.69 24.89 -6.37
CA ASN B 172 0.37 23.90 -6.19
C ASN B 172 0.83 23.82 -4.74
N SER B 173 1.69 22.85 -4.44
CA SER B 173 2.12 22.61 -3.06
C SER B 173 2.95 23.75 -2.48
N ASP B 174 3.90 24.26 -3.25
CA ASP B 174 4.72 25.37 -2.79
C ASP B 174 3.85 26.54 -2.35
N GLU B 175 2.83 26.87 -3.15
CA GLU B 175 1.88 27.92 -2.77
C GLU B 175 1.15 27.56 -1.47
N GLY B 176 0.71 26.31 -1.36
CA GLY B 176 0.11 25.85 -0.13
C GLY B 176 1.04 26.02 1.06
N ILE B 177 2.29 25.61 0.91
CA ILE B 177 3.27 25.75 1.99
C ILE B 177 3.46 27.21 2.44
N GLN B 178 3.69 28.11 1.47
CA GLN B 178 3.80 29.52 1.80
C GLN B 178 2.54 30.05 2.51
N ARG B 179 1.37 29.63 2.03
CA ARG B 179 0.14 30.06 2.66
C ARG B 179 0.03 29.60 4.12
N VAL B 180 0.48 28.37 4.39
CA VAL B 180 0.52 27.88 5.77
C VAL B 180 1.49 28.70 6.62
N LEU B 181 2.67 28.97 6.07
CA LEU B 181 3.74 29.63 6.81
C LEU B 181 3.43 31.09 7.12
N THR B 182 2.59 31.71 6.28
CA THR B 182 2.30 33.14 6.36
C THR B 182 1.00 33.47 7.08
N THR B 183 -0.04 32.70 6.80
CA THR B 183 -1.38 33.04 7.27
C THR B 183 -1.96 31.94 8.16
N ASP B 184 -3.16 32.15 8.69
CA ASP B 184 -3.83 31.14 9.49
C ASP B 184 -4.53 30.14 8.58
N TYR B 185 -3.74 29.22 8.05
CA TYR B 185 -4.20 28.35 6.98
C TYR B 185 -3.61 26.96 7.21
N ALA B 186 -4.41 25.94 6.95
CA ALA B 186 -3.93 24.56 7.04
C ALA B 186 -4.10 23.91 5.67
N LEU B 187 -3.05 23.22 5.20
CA LEU B 187 -3.11 22.57 3.89
C LEU B 187 -3.38 21.09 4.05
N LEU B 188 -4.41 20.59 3.37
CA LEU B 188 -4.64 19.17 3.26
C LEU B 188 -3.67 18.64 2.22
N MET B 189 -2.76 17.78 2.65
CA MET B 189 -1.60 17.41 1.86
C MET B 189 -1.33 15.92 2.08
N GLU B 190 -0.72 15.28 1.08
CA GLU B 190 -0.35 13.88 1.22
C GLU B 190 0.79 13.73 2.21
N SER B 191 0.70 12.69 3.07
CA SER B 191 1.60 12.54 4.21
C SER B 191 3.06 12.47 3.82
N THR B 192 3.34 11.86 2.66
CA THR B 192 4.69 11.76 2.16
C THR B 192 5.30 13.15 1.94
N SER B 193 4.52 14.05 1.35
CA SER B 193 5.00 15.40 1.11
C SER B 193 5.09 16.18 2.42
N ILE B 194 4.14 15.96 3.34
CA ILE B 194 4.23 16.56 4.67
C ILE B 194 5.52 16.14 5.39
N GLU B 195 5.84 14.85 5.34
CA GLU B 195 7.08 14.35 5.93
C GLU B 195 8.32 15.01 5.35
N TYR B 196 8.33 15.26 4.04
CA TYR B 196 9.48 15.90 3.40
C TYR B 196 9.60 17.35 3.85
N VAL B 197 8.49 18.07 3.83
CA VAL B 197 8.51 19.49 4.13
C VAL B 197 8.83 19.74 5.61
N THR B 198 8.24 18.94 6.49
CA THR B 198 8.48 19.14 7.92
C THR B 198 9.87 18.75 8.39
N GLN B 199 10.67 18.14 7.53
CA GLN B 199 12.07 17.85 7.87
C GLN B 199 13.03 18.86 7.29
N ARG B 200 12.48 19.85 6.59
CA ARG B 200 13.29 20.94 6.08
C ARG B 200 12.95 22.25 6.80
N ASN B 201 11.69 22.39 7.19
CA ASN B 201 11.20 23.61 7.82
C ASN B 201 10.59 23.30 9.17
N CYS B 202 11.34 23.60 10.22
CA CYS B 202 10.96 23.17 11.56
C CYS B 202 9.85 24.02 12.16
N ASN B 203 9.32 24.96 11.38
CA ASN B 203 8.13 25.69 11.77
C ASN B 203 6.83 24.98 11.41
N LEU B 204 6.93 23.93 10.60
CA LEU B 204 5.75 23.23 10.12
C LEU B 204 5.59 21.85 10.78
N THR B 205 4.35 21.40 10.92
CA THR B 205 4.09 20.07 11.47
C THR B 205 2.87 19.41 10.85
N GLN B 206 2.84 18.09 10.91
CA GLN B 206 1.65 17.34 10.54
C GLN B 206 0.64 17.39 11.67
N ILE B 207 -0.63 17.59 11.32
CA ILE B 207 -1.69 17.57 12.31
C ILE B 207 -2.50 16.30 12.16
N GLY B 208 -2.61 15.52 13.23
CA GLY B 208 -3.39 14.29 13.22
C GLY B 208 -2.72 13.21 12.40
N GLY B 209 -3.49 12.16 12.07
CA GLY B 209 -2.94 11.02 11.35
C GLY B 209 -3.34 11.01 9.89
N LEU B 210 -3.45 9.82 9.33
CA LEU B 210 -3.83 9.66 7.92
C LEU B 210 -5.35 9.50 7.77
N ILE B 211 -5.93 10.30 6.88
CA ILE B 211 -7.37 10.31 6.63
C ILE B 211 -7.80 9.16 5.72
N ASP B 212 -6.87 8.68 4.91
CA ASP B 212 -7.14 7.55 4.04
C ASP B 212 -5.85 6.81 3.72
N SER B 213 -5.91 5.89 2.78
CA SER B 213 -4.78 5.02 2.53
C SER B 213 -4.66 4.77 1.03
N LYS B 214 -3.55 5.20 0.45
CA LYS B 214 -3.34 4.98 -0.97
C LYS B 214 -1.86 4.97 -1.26
N GLY B 215 -1.53 4.97 -2.55
CA GLY B 215 -0.14 4.91 -2.93
C GLY B 215 0.15 5.65 -4.22
N TYR B 216 1.44 5.81 -4.54
CA TYR B 216 1.88 6.31 -5.82
C TYR B 216 2.22 5.11 -6.67
N GLY B 217 1.80 5.15 -7.94
CA GLY B 217 2.08 4.06 -8.86
C GLY B 217 2.65 4.61 -10.13
N VAL B 218 3.45 3.80 -10.81
CA VAL B 218 3.87 4.15 -12.16
C VAL B 218 2.66 4.01 -13.07
N GLY B 219 2.37 5.06 -13.85
CA GLY B 219 1.25 5.00 -14.77
C GLY B 219 1.67 4.42 -16.12
N THR B 220 0.79 3.63 -16.74
CA THR B 220 1.02 3.15 -18.11
C THR B 220 -0.32 3.19 -18.84
N PRO B 221 -0.30 3.19 -20.19
CA PRO B 221 -1.61 3.22 -20.86
C PRO B 221 -2.33 1.88 -20.65
N ILE B 222 -3.65 1.90 -20.71
CA ILE B 222 -4.41 0.66 -20.65
C ILE B 222 -3.91 -0.33 -21.70
N GLY B 223 -3.59 -1.54 -21.27
CA GLY B 223 -3.11 -2.57 -22.16
C GLY B 223 -1.60 -2.60 -22.32
N SER B 224 -0.90 -1.73 -21.60
CA SER B 224 0.57 -1.68 -21.70
C SER B 224 1.22 -3.01 -21.32
N PRO B 225 2.18 -3.47 -22.13
CA PRO B 225 2.95 -4.69 -21.85
C PRO B 225 3.94 -4.48 -20.71
N TYR B 226 4.19 -3.24 -20.33
CA TYR B 226 5.21 -2.96 -19.31
C TYR B 226 4.66 -2.95 -17.89
N ARG B 227 3.35 -2.72 -17.75
CA ARG B 227 2.77 -2.54 -16.41
C ARG B 227 3.10 -3.69 -15.47
N ASP B 228 2.80 -4.92 -15.88
CA ASP B 228 3.01 -6.07 -14.98
C ASP B 228 4.49 -6.25 -14.65
N LYS B 229 5.34 -6.05 -15.65
CA LYS B 229 6.79 -6.16 -15.43
C LYS B 229 7.28 -5.11 -14.43
N ILE B 230 6.71 -3.91 -14.51
CA ILE B 230 7.07 -2.83 -13.58
CA ILE B 230 7.09 -2.85 -13.58
C ILE B 230 6.59 -3.16 -12.17
N THR B 231 5.37 -3.65 -12.07
CA THR B 231 4.85 -4.10 -10.78
C THR B 231 5.78 -5.12 -10.16
N ILE B 232 6.17 -6.12 -10.95
CA ILE B 232 7.07 -7.15 -10.45
C ILE B 232 8.40 -6.56 -9.97
N ALA B 233 8.96 -5.62 -10.74
CA ALA B 233 10.22 -4.99 -10.36
C ALA B 233 10.08 -4.16 -9.06
N ILE B 234 8.94 -3.47 -8.90
CA ILE B 234 8.70 -2.68 -7.70
C ILE B 234 8.60 -3.59 -6.47
N LEU B 235 7.93 -4.73 -6.63
CA LEU B 235 7.76 -5.67 -5.52
C LEU B 235 9.13 -6.15 -5.06
N GLN B 236 9.99 -6.43 -6.03
CA GLN B 236 11.35 -6.87 -5.75
C GLN B 236 12.17 -5.80 -5.02
N LEU B 237 12.14 -4.58 -5.56
CA LEU B 237 12.82 -3.46 -4.92
C LEU B 237 12.34 -3.24 -3.48
N GLN B 238 11.02 -3.35 -3.26
CA GLN B 238 10.50 -3.20 -1.91
C GLN B 238 11.02 -4.32 -1.01
N GLU B 239 10.99 -5.55 -1.51
CA GLU B 239 11.41 -6.69 -0.71
C GLU B 239 12.89 -6.64 -0.36
N GLU B 240 13.69 -6.04 -1.25
CA GLU B 240 15.13 -5.92 -1.07
C GLU B 240 15.53 -4.75 -0.17
N GLY B 241 14.54 -3.97 0.25
CA GLY B 241 14.79 -2.84 1.12
C GLY B 241 15.21 -1.61 0.33
N LYS B 242 15.24 -1.73 -1.00
CA LYS B 242 15.76 -0.66 -1.87
C LYS B 242 14.88 0.59 -1.87
N LEU B 243 13.57 0.39 -1.92
CA LEU B 243 12.65 1.53 -1.91
C LEU B 243 12.75 2.30 -0.61
N HIS B 244 12.96 1.57 0.47
CA HIS B 244 13.12 2.18 1.78
C HIS B 244 14.37 3.06 1.83
N MET B 245 15.48 2.58 1.26
CA MET B 245 16.72 3.36 1.26
C MET B 245 16.55 4.61 0.41
N MET B 246 15.94 4.44 -0.75
CA MET B 246 15.69 5.55 -1.65
C MET B 246 14.85 6.62 -0.97
N LYS B 247 13.87 6.22 -0.19
CA LYS B 247 13.09 7.21 0.52
C LYS B 247 13.92 7.93 1.59
N GLU B 248 14.70 7.16 2.37
CA GLU B 248 15.59 7.74 3.39
C GLU B 248 16.52 8.78 2.78
N LYS B 249 17.11 8.40 1.64
CA LYS B 249 18.04 9.26 0.92
C LYS B 249 17.44 10.63 0.57
N TRP B 250 16.23 10.63 0.02
CA TRP B 250 15.65 11.90 -0.45
C TRP B 250 14.86 12.66 0.60
N TRP B 251 14.48 11.98 1.68
CA TRP B 251 13.61 12.59 2.69
C TRP B 251 14.37 13.15 3.90
N ARG B 252 15.65 12.80 4.03
CA ARG B 252 16.43 13.20 5.19
C ARG B 252 16.38 14.69 5.48
N GLY B 253 16.74 15.49 4.48
CA GLY B 253 16.71 16.94 4.63
C GLY B 253 17.65 17.45 5.70
N ASN B 254 17.26 18.54 6.36
CA ASN B 254 18.09 19.21 7.34
C ASN B 254 17.97 18.62 8.76
N GLY B 255 16.85 17.95 9.02
CA GLY B 255 16.53 17.45 10.34
C GLY B 255 15.71 18.44 11.15
N CYS B 256 14.56 17.99 11.64
CA CYS B 256 13.71 18.77 12.53
C CYS B 256 13.19 17.87 13.65
N PRO B 257 13.06 18.43 14.87
CA PRO B 257 12.48 17.67 15.99
C PRO B 257 10.98 17.44 15.82
N KAI C . -0.46 -14.00 4.75
CD KAI C . -1.27 -14.93 5.60
CD1 KAI C . 0.08 -18.32 7.10
CD2 KAI C . -1.70 -16.73 7.86
CA KAI C . 0.93 -14.62 4.54
CB KAI C . 1.03 -15.66 5.68
CB1 KAI C . 1.50 -15.06 7.02
CG KAI C . -0.42 -16.20 5.75
CG1 KAI C . 3.00 -14.78 7.14
CG2 KAI C . -0.75 -17.06 6.96
C KAI C . 1.05 -15.23 3.11
O KAI C . 0.09 -14.89 2.34
OD1 KAI C . 3.31 -14.01 8.11
OD2 KAI C . 3.78 -15.31 6.31
OXT KAI C . 2.03 -15.98 2.84
S SO4 D . -28.68 -19.46 12.08
O1 SO4 D . -29.91 -19.84 12.78
O2 SO4 D . -27.98 -20.66 11.62
O3 SO4 D . -29.01 -18.64 10.90
O4 SO4 D . -27.83 -18.70 13.00
S SO4 E . -16.62 -27.65 -1.31
O1 SO4 E . -17.01 -26.36 -0.70
O2 SO4 E . -17.58 -28.69 -0.93
O3 SO4 E . -16.62 -27.51 -2.77
O4 SO4 E . -15.28 -28.04 -0.86
CL CL F . 18.42 -21.63 3.06
CL CL G . -2.29 -3.97 -10.37
N KAI H . -0.11 13.56 -5.78
CD KAI H . 0.83 14.68 -6.04
CD1 KAI H . -0.38 18.38 -6.80
CD2 KAI H . 1.75 17.48 -5.88
CA KAI H . -1.54 14.07 -6.00
CB KAI H . -1.38 15.59 -5.89
CB1 KAI H . -1.32 16.04 -4.42
CG KAI H . -0.03 15.83 -6.60
CG1 KAI H . -2.68 16.22 -3.75
CG2 KAI H . 0.53 17.23 -6.40
C KAI H . -2.12 13.58 -7.39
O KAI H . -1.44 12.68 -7.97
OD1 KAI H . -2.65 16.39 -2.48
OD2 KAI H . -3.72 16.16 -4.48
OXT KAI H . -3.18 14.10 -7.80
S SO4 I . 28.14 18.81 -13.29
O1 SO4 I . 27.61 17.67 -12.53
O2 SO4 I . 28.98 18.30 -14.37
O3 SO4 I . 27.04 19.59 -13.86
O4 SO4 I . 28.92 19.67 -12.40
S SO4 J . 11.88 17.97 -23.62
O1 SO4 J . 10.44 17.90 -23.88
O2 SO4 J . 12.23 17.03 -22.56
O3 SO4 J . 12.62 17.64 -24.83
O4 SO4 J . 12.21 19.34 -23.19
S SO4 K . 2.35 -0.53 -26.53
O1 SO4 K . 1.60 0.14 -25.47
O2 SO4 K . 1.61 -1.74 -26.92
O3 SO4 K . 2.49 0.36 -27.69
O4 SO4 K . 3.69 -0.90 -26.06
S SO4 L . -3.55 26.53 -14.83
O1 SO4 L . -4.56 25.95 -13.94
O2 SO4 L . -2.28 25.84 -14.63
O3 SO4 L . -3.95 26.39 -16.24
O4 SO4 L . -3.37 27.96 -14.51
CL CL M . 12.01 31.63 10.84
#